data_8TON
#
_entry.id   8TON
#
_cell.length_a   84.603
_cell.length_b   84.603
_cell.length_c   76.895
_cell.angle_alpha   90.000
_cell.angle_beta   90.000
_cell.angle_gamma   120.000
#
_symmetry.space_group_name_H-M   'P 32 2 1'
#
loop_
_entity.id
_entity.type
_entity.pdbx_description
1 polymer 'Protocadherin-15 EC3-EC7'
2 non-polymer 'CALCIUM ION'
3 non-polymer 'SODIUM ION'
4 non-polymer 'POTASSIUM ION'
5 water water
#
_entity_poly.entity_id   1
_entity_poly.type   'polypeptide(L)'
_entity_poly.pdbx_seq_one_letter_code
;MASDGDDLGPMFLPCVLVPNTRDCRPLTYQAAIPELRTPEELNPILVTPPIQAIDQDRNIQPPSDRPGILYSILVGTPED
YPRFFHMHPRTAELTLLEPVNRDFHQKFDLVIKAEQDNGHPLPAFASLHIEILDENNQAPVFDPYLPRNLSVVEEEANAF
VGQVRATDPDAGINGQVHYSLGNFNNLFRITSNGSIYTAVKLNREARDHYELVVVATDGAVHPRHSTLTLYIKVLDIDDN
LEHHHHHH
;
_entity_poly.pdbx_strand_id   A
#
# COMPACT_ATOMS: atom_id res chain seq x y z
N ASP A 6 45.63 7.88 -11.37
CA ASP A 6 44.92 6.71 -11.93
C ASP A 6 43.39 6.97 -11.97
N ASP A 7 42.73 6.44 -13.00
CA ASP A 7 41.30 6.67 -13.23
C ASP A 7 40.48 6.04 -12.10
N LEU A 8 39.54 6.80 -11.53
CA LEU A 8 38.53 6.21 -10.64
C LEU A 8 37.21 6.04 -11.40
N GLY A 9 36.49 5.00 -11.00
CA GLY A 9 35.22 4.65 -11.60
C GLY A 9 34.03 5.32 -10.89
N PRO A 10 32.80 4.98 -11.32
CA PRO A 10 31.60 5.57 -10.77
C PRO A 10 31.31 5.09 -9.36
N MET A 11 30.47 5.83 -8.64
CA MET A 11 29.84 5.30 -7.45
C MET A 11 28.36 5.64 -7.48
N PHE A 12 27.54 4.71 -7.01
CA PHE A 12 26.14 4.93 -6.87
C PHE A 12 25.89 5.86 -5.67
N LEU A 13 24.79 6.60 -5.74
CA LEU A 13 24.44 7.61 -4.74
C LEU A 13 23.15 7.18 -4.04
N PRO A 14 23.03 7.42 -2.72
CA PRO A 14 24.08 8.04 -1.92
C PRO A 14 25.19 7.12 -1.43
N CYS A 15 26.39 7.70 -1.33
CA CYS A 15 27.54 7.01 -0.78
C CYS A 15 27.71 7.42 0.69
N VAL A 16 27.26 6.58 1.60
CA VAL A 16 27.45 6.73 3.02
C VAL A 16 28.59 5.77 3.39
N LEU A 17 29.67 6.28 3.95
CA LEU A 17 30.82 5.42 4.25
C LEU A 17 30.52 4.49 5.42
N VAL A 18 30.96 3.25 5.28
CA VAL A 18 30.89 2.30 6.38
C VAL A 18 31.94 2.80 7.38
N PRO A 19 31.58 3.07 8.64
CA PRO A 19 32.52 3.70 9.59
C PRO A 19 33.86 2.96 9.71
N ASN A 20 34.96 3.72 9.85
CA ASN A 20 36.33 3.19 9.89
C ASN A 20 36.72 2.53 8.58
N THR A 21 36.06 2.97 7.48
CA THR A 21 36.44 2.60 6.13
C THR A 21 36.27 3.80 5.22
N ARG A 22 36.81 3.66 4.01
CA ARG A 22 36.55 4.56 2.90
C ARG A 22 35.71 3.79 1.89
N ASP A 23 34.89 2.81 2.35
CA ASP A 23 33.96 2.08 1.48
C ASP A 23 32.50 2.60 1.65
N CYS A 24 31.80 2.81 0.53
CA CYS A 24 30.38 3.18 0.51
C CYS A 24 29.61 1.97 1.02
N ARG A 25 28.60 2.21 1.84
CA ARG A 25 27.70 1.12 2.12
C ARG A 25 26.98 0.73 0.83
N PRO A 26 26.88 -0.59 0.53
CA PRO A 26 26.16 -1.07 -0.67
C PRO A 26 24.69 -0.67 -0.62
N LEU A 27 24.14 -0.22 -1.73
CA LEU A 27 22.75 0.25 -1.78
C LEU A 27 21.81 -0.84 -2.27
N THR A 28 20.60 -0.85 -1.69
CA THR A 28 19.48 -1.58 -2.27
C THR A 28 18.37 -0.60 -2.59
N TYR A 29 18.27 -0.24 -3.85
CA TYR A 29 17.21 0.62 -4.30
C TYR A 29 15.91 -0.18 -4.25
N GLN A 30 14.76 0.56 -4.18
CA GLN A 30 13.49 -0.07 -3.92
C GLN A 30 12.40 0.46 -4.85
N ALA A 31 11.54 -0.46 -5.29
CA ALA A 31 10.38 -0.10 -6.09
C ALA A 31 9.29 -1.08 -5.76
N ALA A 32 8.07 -0.64 -6.02
CA ALA A 32 6.92 -1.49 -5.79
C ALA A 32 5.88 -1.18 -6.85
N ILE A 33 5.33 -2.25 -7.42
CA ILE A 33 4.51 -2.22 -8.63
C ILE A 33 3.29 -3.05 -8.36
N PRO A 34 2.09 -2.49 -8.58
CA PRO A 34 0.86 -3.27 -8.47
C PRO A 34 0.72 -4.24 -9.66
N GLU A 35 0.33 -5.46 -9.38
CA GLU A 35 0.14 -6.47 -10.42
C GLU A 35 -1.01 -6.01 -11.30
N LEU A 36 -0.98 -6.47 -12.55
CA LEU A 36 -2.07 -6.39 -13.49
C LEU A 36 -2.20 -4.97 -14.02
N ARG A 37 -1.53 -3.96 -13.46
CA ARG A 37 -1.65 -2.64 -14.05
C ARG A 37 -0.71 -2.53 -15.24
N THR A 38 -1.01 -1.60 -16.11
CA THR A 38 -0.32 -1.52 -17.38
C THR A 38 0.93 -0.64 -17.33
N PRO A 39 1.86 -0.90 -18.25
CA PRO A 39 2.97 0.04 -18.47
C PRO A 39 2.54 1.50 -18.59
N GLU A 40 1.55 1.74 -19.45
CA GLU A 40 1.09 3.09 -19.73
C GLU A 40 0.66 3.78 -18.41
N GLU A 41 0.02 3.04 -17.51
CA GLU A 41 -0.41 3.58 -16.23
C GLU A 41 0.76 3.83 -15.29
N LEU A 42 1.81 2.96 -15.29
CA LEU A 42 2.78 2.90 -14.20
C LEU A 42 4.08 3.61 -14.54
N ASN A 43 4.40 3.81 -15.83
CA ASN A 43 5.72 4.29 -16.24
C ASN A 43 5.90 5.79 -16.07
N PRO A 44 7.10 6.29 -15.71
CA PRO A 44 8.23 5.47 -15.26
C PRO A 44 8.07 5.01 -13.81
N ILE A 45 8.66 3.86 -13.54
CA ILE A 45 8.57 3.24 -12.23
C ILE A 45 9.41 4.07 -11.27
N LEU A 46 8.82 4.37 -10.13
CA LEU A 46 9.50 5.19 -9.18
C LEU A 46 10.46 4.31 -8.38
N VAL A 47 11.73 4.75 -8.29
CA VAL A 47 12.70 4.06 -7.45
C VAL A 47 13.12 4.98 -6.31
N THR A 48 13.26 4.35 -5.14
CA THR A 48 13.70 5.07 -3.95
C THR A 48 14.91 4.43 -3.31
N PRO A 49 15.95 5.21 -3.02
CA PRO A 49 16.10 6.59 -3.52
C PRO A 49 16.35 6.55 -5.02
N PRO A 50 16.39 7.69 -5.72
CA PRO A 50 16.53 7.69 -7.18
C PRO A 50 17.87 7.14 -7.61
N ILE A 51 17.88 6.35 -8.69
CA ILE A 51 19.13 5.74 -9.12
C ILE A 51 19.97 6.81 -9.75
N GLN A 52 21.18 6.92 -9.25
CA GLN A 52 22.15 7.88 -9.71
C GLN A 52 23.53 7.32 -9.40
N ALA A 53 24.45 7.50 -10.37
CA ALA A 53 25.88 7.28 -10.14
C ALA A 53 26.65 8.44 -10.70
N ILE A 54 27.84 8.69 -10.10
CA ILE A 54 28.75 9.72 -10.58
C ILE A 54 30.18 9.19 -10.54
N ASP A 55 30.99 9.78 -11.42
CA ASP A 55 32.42 9.52 -11.52
C ASP A 55 33.07 10.00 -10.23
N GLN A 56 33.74 9.11 -9.49
CA GLN A 56 34.46 9.56 -8.30
C GLN A 56 35.50 10.66 -8.58
N ASP A 57 36.11 10.73 -9.79
CA ASP A 57 37.06 11.79 -10.14
C ASP A 57 36.34 13.14 -10.23
N PRO A 67 34.44 11.31 -17.53
CA PRO A 67 33.77 10.96 -18.81
C PRO A 67 32.30 10.64 -18.59
N GLY A 68 31.63 9.85 -19.47
CA GLY A 68 30.20 9.50 -19.34
C GLY A 68 29.94 8.28 -18.43
N ILE A 69 28.65 7.96 -18.17
CA ILE A 69 28.23 6.83 -17.34
C ILE A 69 27.11 6.02 -18.04
N LEU A 70 27.28 4.67 -18.04
CA LEU A 70 26.30 3.73 -18.57
C LEU A 70 25.73 2.86 -17.46
N TYR A 71 24.43 2.86 -17.37
CA TYR A 71 23.66 2.06 -16.45
C TYR A 71 23.12 0.81 -17.15
N SER A 72 23.13 -0.31 -16.46
CA SER A 72 22.56 -1.54 -16.94
C SER A 72 22.06 -2.41 -15.78
N ILE A 73 21.13 -3.32 -16.09
CA ILE A 73 20.82 -4.46 -15.25
C ILE A 73 21.77 -5.60 -15.65
N LEU A 74 22.62 -6.00 -14.72
CA LEU A 74 23.61 -7.07 -15.00
C LEU A 74 23.02 -8.46 -14.92
N VAL A 75 22.30 -8.74 -13.81
CA VAL A 75 21.71 -10.05 -13.63
C VAL A 75 20.50 -9.86 -12.72
N GLY A 76 19.69 -10.89 -12.63
CA GLY A 76 18.54 -10.77 -11.77
C GLY A 76 17.78 -12.06 -11.61
N THR A 77 16.85 -12.07 -10.65
CA THR A 77 15.99 -13.19 -10.46
C THR A 77 14.59 -12.71 -10.07
N PRO A 78 13.50 -13.33 -10.56
CA PRO A 78 13.54 -14.44 -11.49
C PRO A 78 14.16 -14.06 -12.83
N GLU A 79 14.50 -15.11 -13.59
CA GLU A 79 15.37 -14.96 -14.74
C GLU A 79 14.66 -14.32 -15.94
N ASP A 80 13.33 -14.32 -16.02
CA ASP A 80 12.67 -13.61 -17.11
C ASP A 80 12.48 -12.11 -16.84
N TYR A 81 13.25 -11.48 -15.94
CA TYR A 81 13.15 -10.05 -15.73
C TYR A 81 13.27 -9.22 -17.01
N PRO A 82 14.07 -9.60 -18.03
CA PRO A 82 14.13 -8.81 -19.23
C PRO A 82 12.84 -8.77 -20.05
N ARG A 83 11.94 -9.73 -19.84
CA ARG A 83 10.62 -9.59 -20.43
C ARG A 83 9.83 -8.43 -19.79
N PHE A 84 10.13 -8.04 -18.54
CA PHE A 84 9.29 -7.11 -17.78
C PHE A 84 9.89 -5.73 -17.54
N PHE A 85 11.25 -5.61 -17.53
CA PHE A 85 11.89 -4.36 -17.22
C PHE A 85 12.94 -3.96 -18.23
N HIS A 86 12.99 -2.64 -18.43
CA HIS A 86 14.04 -1.99 -19.20
C HIS A 86 14.67 -0.86 -18.40
N MET A 87 16.01 -0.79 -18.39
CA MET A 87 16.71 0.30 -17.74
C MET A 87 17.40 1.12 -18.79
N HIS A 88 17.04 2.40 -18.86
CA HIS A 88 17.69 3.31 -19.79
C HIS A 88 19.18 3.46 -19.50
N PRO A 89 20.06 3.28 -20.51
CA PRO A 89 21.50 3.26 -20.28
C PRO A 89 22.15 4.59 -19.89
N ARG A 90 21.46 5.70 -20.15
CA ARG A 90 22.01 6.98 -19.81
C ARG A 90 21.26 7.62 -18.67
N THR A 91 19.96 7.36 -18.50
CA THR A 91 19.24 8.09 -17.49
C THR A 91 18.91 7.20 -16.30
N ALA A 92 19.04 5.89 -16.45
CA ALA A 92 18.72 4.89 -15.42
C ALA A 92 17.22 4.75 -15.20
N GLU A 93 16.44 5.39 -16.06
CA GLU A 93 15.01 5.32 -15.93
C GLU A 93 14.52 3.88 -16.11
N LEU A 94 13.58 3.48 -15.25
CA LEU A 94 13.13 2.12 -15.19
C LEU A 94 11.71 2.00 -15.75
N THR A 95 11.54 1.14 -16.77
CA THR A 95 10.31 0.97 -17.53
C THR A 95 9.75 -0.44 -17.39
N LEU A 96 8.46 -0.53 -17.09
CA LEU A 96 7.74 -1.79 -17.15
C LEU A 96 7.31 -2.03 -18.61
N LEU A 97 7.48 -3.29 -19.06
CA LEU A 97 7.26 -3.65 -20.48
C LEU A 97 5.98 -4.47 -20.65
N GLU A 98 5.49 -5.09 -19.57
CA GLU A 98 4.33 -5.95 -19.61
C GLU A 98 3.75 -5.98 -18.21
N PRO A 99 2.41 -6.04 -18.07
CA PRO A 99 1.82 -6.15 -16.74
C PRO A 99 2.24 -7.44 -16.04
N VAL A 100 2.55 -7.30 -14.75
CA VAL A 100 3.01 -8.46 -13.98
C VAL A 100 1.81 -9.16 -13.36
N ASN A 101 1.88 -10.50 -13.31
CA ASN A 101 0.87 -11.29 -12.63
C ASN A 101 1.48 -11.86 -11.37
N ARG A 102 0.92 -11.49 -10.22
CA ARG A 102 1.50 -11.89 -8.94
C ARG A 102 1.44 -13.39 -8.69
N ASP A 103 0.56 -14.13 -9.40
CA ASP A 103 0.60 -15.58 -9.36
C ASP A 103 1.89 -16.14 -9.99
N PHE A 104 2.58 -15.37 -10.80
CA PHE A 104 3.83 -15.81 -11.43
C PHE A 104 5.08 -15.16 -10.86
N HIS A 105 4.98 -13.89 -10.41
CA HIS A 105 6.10 -13.18 -9.80
C HIS A 105 5.60 -12.35 -8.59
N GLN A 106 6.16 -12.64 -7.41
CA GLN A 106 5.95 -11.83 -6.23
C GLN A 106 6.98 -10.73 -6.02
N LYS A 107 8.14 -10.90 -6.63
CA LYS A 107 9.13 -9.87 -6.59
C LYS A 107 10.22 -10.16 -7.60
N PHE A 108 11.05 -9.18 -7.81
CA PHE A 108 12.28 -9.34 -8.56
C PHE A 108 13.45 -8.74 -7.78
N ASP A 109 14.60 -9.40 -7.83
CA ASP A 109 15.81 -8.91 -7.21
C ASP A 109 16.89 -8.78 -8.29
N LEU A 110 17.28 -7.55 -8.56
CA LEU A 110 18.16 -7.24 -9.69
C LEU A 110 19.45 -6.66 -9.17
N VAL A 111 20.50 -6.90 -9.94
CA VAL A 111 21.78 -6.26 -9.72
C VAL A 111 22.00 -5.26 -10.84
N ILE A 112 22.34 -4.02 -10.49
CA ILE A 112 22.52 -3.00 -11.48
C ILE A 112 23.95 -2.55 -11.43
N LYS A 113 24.40 -2.00 -12.53
CA LYS A 113 25.79 -1.65 -12.67
C LYS A 113 25.85 -0.29 -13.32
N ALA A 114 26.92 0.42 -12.97
CA ALA A 114 27.25 1.66 -13.61
C ALA A 114 28.71 1.62 -13.99
N GLU A 115 29.04 2.01 -15.23
CA GLU A 115 30.42 1.95 -15.68
C GLU A 115 30.73 3.24 -16.41
N GLN A 116 32.03 3.57 -16.43
CA GLN A 116 32.55 4.70 -17.14
C GLN A 116 32.43 4.42 -18.62
N ASP A 117 32.10 5.42 -19.39
CA ASP A 117 31.97 5.24 -20.82
C ASP A 117 33.35 5.33 -21.51
N ASN A 118 34.08 6.43 -21.32
CA ASN A 118 35.48 6.49 -21.80
C ASN A 118 36.48 6.05 -20.71
N GLY A 119 37.48 5.26 -21.08
CA GLY A 119 38.38 4.61 -20.14
C GLY A 119 37.87 3.23 -19.72
N HIS A 120 38.69 2.47 -18.97
CA HIS A 120 38.30 1.24 -18.28
C HIS A 120 36.98 1.43 -17.53
N PRO A 121 36.13 0.37 -17.49
CA PRO A 121 34.77 0.48 -16.94
C PRO A 121 34.76 0.81 -15.44
N LEU A 122 35.78 0.26 -14.70
CA LEU A 122 35.86 0.33 -13.24
C LEU A 122 34.44 0.35 -12.63
N PRO A 123 33.64 -0.71 -12.76
CA PRO A 123 32.19 -0.61 -12.56
C PRO A 123 31.79 -0.52 -11.10
N ALA A 124 30.70 0.16 -10.82
CA ALA A 124 30.04 0.05 -9.52
C ALA A 124 28.76 -0.77 -9.68
N PHE A 125 28.31 -1.33 -8.55
CA PHE A 125 27.18 -2.24 -8.45
C PHE A 125 26.21 -1.81 -7.36
N ALA A 126 24.91 -2.06 -7.57
CA ALA A 126 23.94 -1.88 -6.50
C ALA A 126 22.88 -2.95 -6.71
N SER A 127 22.04 -3.12 -5.71
CA SER A 127 20.85 -3.97 -5.82
C SER A 127 19.61 -3.13 -6.03
N LEU A 128 18.62 -3.76 -6.62
CA LEU A 128 17.32 -3.15 -6.93
C LEU A 128 16.27 -4.21 -6.68
N HIS A 129 15.48 -3.93 -5.67
CA HIS A 129 14.43 -4.84 -5.25
C HIS A 129 13.09 -4.29 -5.73
N ILE A 130 12.32 -5.12 -6.45
CA ILE A 130 11.02 -4.70 -6.97
C ILE A 130 9.97 -5.63 -6.39
N GLU A 131 9.06 -5.06 -5.56
CA GLU A 131 8.02 -5.85 -4.90
C GLU A 131 6.83 -5.78 -5.83
N ILE A 132 6.13 -6.93 -5.98
CA ILE A 132 4.89 -6.97 -6.70
C ILE A 132 3.72 -7.02 -5.70
N LEU A 133 2.85 -6.00 -5.77
CA LEU A 133 1.75 -5.86 -4.81
C LEU A 133 0.52 -6.59 -5.36
N ASP A 134 -0.12 -7.38 -4.47
CA ASP A 134 -1.35 -8.12 -4.77
C ASP A 134 -2.49 -7.15 -5.09
N GLU A 135 -3.27 -7.45 -6.10
CA GLU A 135 -4.41 -6.63 -6.42
C GLU A 135 -5.53 -6.84 -5.38
N ASN A 136 -6.15 -5.73 -5.02
CA ASN A 136 -7.23 -5.69 -4.06
C ASN A 136 -8.50 -5.75 -4.91
N ASN A 137 -8.91 -6.99 -5.12
CA ASN A 137 -9.89 -7.24 -6.16
C ASN A 137 -11.31 -6.91 -5.67
N GLN A 138 -11.60 -7.12 -4.39
CA GLN A 138 -12.99 -7.02 -3.88
C GLN A 138 -13.09 -6.10 -2.66
N ALA A 139 -14.24 -5.41 -2.54
CA ALA A 139 -14.67 -4.64 -1.39
C ALA A 139 -15.26 -5.53 -0.31
N PRO A 140 -15.17 -5.15 0.98
CA PRO A 140 -15.83 -5.94 2.01
C PRO A 140 -17.33 -6.07 1.71
N VAL A 141 -17.95 -7.14 2.23
CA VAL A 141 -19.35 -7.42 1.98
C VAL A 141 -20.02 -7.69 3.34
N PHE A 142 -20.97 -6.82 3.70
CA PHE A 142 -21.64 -6.92 4.98
C PHE A 142 -22.46 -8.22 4.95
N ASP A 143 -22.51 -8.90 6.10
CA ASP A 143 -23.43 -10.03 6.32
CA ASP A 143 -23.40 -10.03 6.30
C ASP A 143 -24.85 -9.58 6.01
N PRO A 144 -25.52 -10.28 5.05
CA PRO A 144 -26.82 -9.84 4.53
C PRO A 144 -28.03 -9.99 5.47
N TYR A 145 -27.90 -10.76 6.56
CA TYR A 145 -28.99 -10.96 7.52
C TYR A 145 -28.76 -10.24 8.85
N LEU A 146 -27.94 -9.19 8.81
CA LEU A 146 -27.73 -8.35 9.97
C LEU A 146 -29.02 -7.61 10.25
N PRO A 147 -29.38 -7.49 11.53
CA PRO A 147 -30.46 -6.63 11.96
C PRO A 147 -29.98 -5.20 11.77
N ARG A 148 -30.80 -4.40 11.09
CA ARG A 148 -30.39 -3.02 10.84
C ARG A 148 -31.37 -2.02 11.44
N ASN A 149 -32.46 -2.52 12.04
CA ASN A 149 -33.33 -1.64 12.82
C ASN A 149 -32.93 -1.80 14.28
N LEU A 150 -32.33 -0.79 14.88
CA LEU A 150 -31.72 -0.96 16.18
C LEU A 150 -32.35 -0.01 17.17
N SER A 151 -32.52 -0.49 18.41
CA SER A 151 -33.16 0.32 19.45
C SER A 151 -32.14 0.61 20.52
N VAL A 152 -32.13 1.82 21.07
CA VAL A 152 -31.22 2.06 22.19
C VAL A 152 -31.94 3.01 23.14
N VAL A 153 -31.70 2.85 24.44
CA VAL A 153 -32.38 3.72 25.38
C VAL A 153 -31.64 5.06 25.46
N GLU A 154 -32.41 6.15 25.68
CA GLU A 154 -31.87 7.47 25.97
C GLU A 154 -31.14 7.59 27.33
N GLU A 155 -30.47 8.73 27.52
CA GLU A 155 -29.87 9.12 28.78
C GLU A 155 -28.87 8.07 29.19
N GLU A 156 -28.18 7.48 28.19
CA GLU A 156 -27.15 6.52 28.53
C GLU A 156 -26.01 6.54 27.52
N ALA A 157 -24.83 6.81 28.09
CA ALA A 157 -23.61 6.95 27.37
C ALA A 157 -22.94 5.61 27.44
N ASN A 158 -22.25 5.27 26.36
CA ASN A 158 -21.57 4.00 26.27
C ASN A 158 -22.59 2.88 26.26
N ALA A 159 -23.83 3.10 25.79
CA ALA A 159 -24.80 2.02 25.70
C ALA A 159 -24.64 1.25 24.39
N PHE A 160 -24.71 -0.09 24.43
CA PHE A 160 -24.51 -0.90 23.24
C PHE A 160 -25.71 -0.74 22.31
N VAL A 161 -25.45 -0.50 21.03
CA VAL A 161 -26.52 -0.19 20.07
C VAL A 161 -26.74 -1.41 19.19
N GLY A 162 -25.63 -2.05 18.78
CA GLY A 162 -25.68 -3.26 18.01
C GLY A 162 -24.31 -3.58 17.43
N GLN A 163 -24.28 -4.58 16.54
CA GLN A 163 -23.04 -5.09 15.98
C GLN A 163 -23.22 -5.45 14.51
N VAL A 164 -22.23 -5.10 13.70
CA VAL A 164 -22.24 -5.46 12.29
C VAL A 164 -21.04 -6.35 12.05
N ARG A 165 -21.04 -6.96 10.89
CA ARG A 165 -19.94 -7.79 10.44
C ARG A 165 -19.88 -7.72 8.92
N ALA A 166 -18.66 -7.60 8.38
CA ALA A 166 -18.42 -7.71 6.96
C ALA A 166 -17.24 -8.64 6.76
N THR A 167 -17.21 -9.28 5.58
CA THR A 167 -16.08 -10.10 5.23
C THR A 167 -15.58 -9.68 3.86
N ASP A 168 -14.35 -10.08 3.56
CA ASP A 168 -13.68 -9.70 2.33
C ASP A 168 -12.95 -10.94 1.82
N PRO A 169 -13.19 -11.35 0.56
CA PRO A 169 -12.61 -12.57 0.00
C PRO A 169 -11.10 -12.48 -0.23
N ASP A 170 -10.54 -11.28 -0.45
CA ASP A 170 -9.15 -11.17 -0.84
C ASP A 170 -8.22 -11.73 0.22
N ALA A 171 -7.00 -12.08 -0.23
CA ALA A 171 -5.97 -12.59 0.65
C ALA A 171 -5.16 -11.49 1.34
N GLY A 172 -4.64 -11.81 2.54
CA GLY A 172 -3.80 -10.97 3.35
C GLY A 172 -4.54 -9.71 3.82
N ILE A 173 -3.77 -8.60 3.88
CA ILE A 173 -4.27 -7.30 4.27
C ILE A 173 -5.46 -6.87 3.40
N ASN A 174 -5.48 -7.31 2.13
CA ASN A 174 -6.54 -6.99 1.18
C ASN A 174 -7.89 -7.58 1.58
N GLY A 175 -7.89 -8.52 2.54
CA GLY A 175 -9.10 -9.16 3.01
C GLY A 175 -9.40 -8.87 4.47
N GLN A 176 -8.55 -8.05 5.13
CA GLN A 176 -8.74 -7.70 6.53
C GLN A 176 -9.68 -6.50 6.68
N VAL A 177 -10.74 -6.64 7.48
CA VAL A 177 -11.83 -5.65 7.50
C VAL A 177 -11.70 -4.72 8.71
N HIS A 178 -11.85 -3.42 8.44
CA HIS A 178 -11.85 -2.39 9.46
C HIS A 178 -13.17 -1.65 9.41
N TYR A 179 -13.66 -1.19 10.56
CA TYR A 179 -14.96 -0.58 10.71
C TYR A 179 -14.76 0.87 11.11
N SER A 180 -15.60 1.74 10.55
CA SER A 180 -15.63 3.15 10.90
C SER A 180 -17.07 3.63 10.68
N LEU A 181 -17.40 4.81 11.24
CA LEU A 181 -18.69 5.44 10.95
C LEU A 181 -18.54 6.56 9.93
N GLY A 182 -19.53 6.62 9.05
CA GLY A 182 -19.57 7.62 7.99
C GLY A 182 -20.22 8.93 8.42
N ASN A 183 -20.93 8.89 9.54
CA ASN A 183 -21.57 10.08 10.10
C ASN A 183 -21.81 9.90 11.59
N PHE A 184 -22.24 10.98 12.25
CA PHE A 184 -22.62 10.99 13.65
C PHE A 184 -21.52 10.46 14.55
N ASN A 185 -20.29 10.79 14.16
CA ASN A 185 -19.09 10.40 14.85
C ASN A 185 -18.94 11.06 16.24
N ASN A 186 -19.73 12.07 16.52
CA ASN A 186 -19.80 12.67 17.85
C ASN A 186 -20.81 11.94 18.75
N LEU A 187 -21.74 11.13 18.20
CA LEU A 187 -22.79 10.52 19.03
C LEU A 187 -22.64 9.02 19.24
N PHE A 188 -21.91 8.37 18.35
CA PHE A 188 -21.69 6.93 18.39
C PHE A 188 -20.23 6.63 18.11
N ARG A 189 -19.85 5.41 18.45
CA ARG A 189 -18.55 4.90 18.10
C ARG A 189 -18.68 3.44 17.70
N ILE A 190 -17.68 2.95 16.94
CA ILE A 190 -17.64 1.56 16.54
C ILE A 190 -16.28 0.95 16.84
N THR A 191 -16.25 -0.32 17.30
CA THR A 191 -15.00 -1.01 17.65
C THR A 191 -14.51 -1.90 16.50
N SER A 192 -13.31 -2.41 16.68
CA SER A 192 -12.63 -3.20 15.67
C SER A 192 -13.41 -4.48 15.40
N ASN A 193 -14.30 -4.90 16.32
CA ASN A 193 -15.09 -6.07 16.02
C ASN A 193 -16.51 -5.71 15.52
N GLY A 194 -16.79 -4.42 15.28
CA GLY A 194 -18.03 -4.02 14.63
C GLY A 194 -19.15 -3.66 15.60
N SER A 195 -18.79 -3.53 16.90
CA SER A 195 -19.75 -3.18 17.93
C SER A 195 -19.91 -1.66 18.02
N ILE A 196 -21.15 -1.21 18.06
CA ILE A 196 -21.53 0.19 18.07
C ILE A 196 -22.12 0.51 19.44
N TYR A 197 -21.62 1.58 20.02
CA TYR A 197 -22.09 2.10 21.29
C TYR A 197 -22.39 3.59 21.14
N THR A 198 -23.21 4.12 22.03
CA THR A 198 -23.38 5.55 22.11
C THR A 198 -22.10 6.15 22.67
N ALA A 199 -21.76 7.34 22.21
CA ALA A 199 -20.59 8.02 22.77
C ALA A 199 -21.04 9.07 23.78
N VAL A 200 -22.35 9.34 23.85
CA VAL A 200 -22.92 10.32 24.76
C VAL A 200 -24.33 9.85 25.10
N LYS A 201 -24.96 10.54 26.04
CA LYS A 201 -26.34 10.28 26.42
C LYS A 201 -27.22 10.90 25.36
N LEU A 202 -28.03 10.06 24.70
CA LEU A 202 -28.98 10.55 23.72
C LEU A 202 -30.24 11.04 24.44
N ASN A 203 -31.08 11.76 23.72
CA ASN A 203 -32.29 12.32 24.27
C ASN A 203 -33.41 12.21 23.25
N ARG A 204 -34.40 11.36 23.56
CA ARG A 204 -35.48 11.05 22.64
C ARG A 204 -36.22 12.31 22.22
N GLU A 205 -36.55 13.16 23.23
CA GLU A 205 -37.37 14.36 23.04
C GLU A 205 -36.66 15.23 22.01
N ALA A 206 -35.33 15.38 22.13
CA ALA A 206 -34.52 16.14 21.21
C ALA A 206 -34.49 15.51 19.80
N ARG A 207 -34.18 14.20 19.69
CA ARG A 207 -34.12 13.49 18.41
C ARG A 207 -34.29 12.00 18.68
N ASP A 208 -35.23 11.34 17.98
CA ASP A 208 -35.54 9.96 18.29
C ASP A 208 -35.10 8.98 17.20
N HIS A 209 -34.41 9.45 16.15
CA HIS A 209 -34.12 8.58 15.03
C HIS A 209 -32.86 9.08 14.34
N TYR A 210 -31.97 8.15 13.98
CA TYR A 210 -30.73 8.39 13.27
C TYR A 210 -30.59 7.37 12.16
N GLU A 211 -30.20 7.85 10.98
CA GLU A 211 -29.74 6.95 9.96
C GLU A 211 -28.22 6.92 9.98
N LEU A 212 -27.65 5.86 10.57
CA LEU A 212 -26.23 5.81 10.78
C LEU A 212 -25.55 5.04 9.66
N VAL A 213 -24.45 5.58 9.12
CA VAL A 213 -23.68 4.90 8.08
C VAL A 213 -22.46 4.26 8.67
N VAL A 214 -22.37 2.96 8.47
CA VAL A 214 -21.17 2.22 8.78
C VAL A 214 -20.38 1.95 7.52
N VAL A 215 -19.07 2.12 7.62
CA VAL A 215 -18.13 1.91 6.54
C VAL A 215 -17.28 0.69 6.92
N ALA A 216 -17.15 -0.25 5.97
CA ALA A 216 -16.20 -1.35 6.06
C ALA A 216 -15.11 -1.11 5.05
N THR A 217 -13.85 -1.09 5.51
CA THR A 217 -12.71 -0.83 4.63
C THR A 217 -11.73 -2.00 4.75
N ASP A 218 -11.07 -2.39 3.65
CA ASP A 218 -10.08 -3.46 3.75
C ASP A 218 -8.71 -2.83 4.06
N GLY A 219 -7.70 -3.65 4.31
CA GLY A 219 -6.39 -3.16 4.73
C GLY A 219 -5.43 -2.97 3.57
N ALA A 220 -5.92 -2.81 2.34
CA ALA A 220 -5.06 -2.79 1.17
C ALA A 220 -4.37 -1.44 1.04
N VAL A 221 -3.24 -1.48 0.33
CA VAL A 221 -2.58 -0.27 -0.09
C VAL A 221 -3.56 0.62 -0.83
N HIS A 222 -4.43 0.03 -1.68
CA HIS A 222 -5.46 0.78 -2.37
C HIS A 222 -6.80 0.25 -1.91
N PRO A 223 -7.34 0.83 -0.83
CA PRO A 223 -8.45 0.20 -0.11
C PRO A 223 -9.73 0.21 -0.90
N ARG A 224 -10.59 -0.78 -0.63
CA ARG A 224 -11.98 -0.71 -1.11
C ARG A 224 -12.91 -0.62 0.11
N HIS A 225 -14.11 -0.10 -0.11
CA HIS A 225 -15.00 0.22 0.99
C HIS A 225 -16.41 -0.21 0.64
N SER A 226 -17.21 -0.57 1.63
CA SER A 226 -18.64 -0.65 1.42
C SER A 226 -19.29 0.05 2.60
N THR A 227 -20.58 0.36 2.44
CA THR A 227 -21.34 1.07 3.47
C THR A 227 -22.64 0.35 3.73
N LEU A 228 -23.14 0.48 4.96
CA LEU A 228 -24.40 -0.11 5.39
C LEU A 228 -25.12 0.98 6.14
N THR A 229 -26.41 1.16 5.86
CA THR A 229 -27.27 2.02 6.65
C THR A 229 -27.98 1.27 7.78
N LEU A 230 -27.85 1.80 8.98
CA LEU A 230 -28.56 1.32 10.17
C LEU A 230 -29.57 2.39 10.57
N TYR A 231 -30.75 1.97 11.03
CA TYR A 231 -31.80 2.86 11.53
C TYR A 231 -31.88 2.70 13.04
N ILE A 232 -31.51 3.76 13.74
CA ILE A 232 -31.39 3.78 15.19
C ILE A 232 -32.61 4.52 15.73
N LYS A 233 -33.36 3.83 16.62
CA LYS A 233 -34.47 4.44 17.31
C LYS A 233 -34.11 4.64 18.77
N VAL A 234 -34.33 5.84 19.28
CA VAL A 234 -34.01 6.17 20.67
C VAL A 234 -35.29 5.95 21.47
N LEU A 235 -35.19 5.13 22.53
CA LEU A 235 -36.34 4.72 23.34
C LEU A 235 -36.42 5.54 24.63
N ASP A 236 -37.66 5.87 25.07
CA ASP A 236 -37.90 6.48 26.38
C ASP A 236 -37.35 5.58 27.50
N ILE A 237 -36.71 6.20 28.51
CA ILE A 237 -36.24 5.51 29.71
C ILE A 237 -37.37 4.73 30.40
N ASP A 238 -38.65 5.06 30.12
CA ASP A 238 -39.83 4.54 30.78
C ASP A 238 -40.07 5.34 32.06
#